data_9DA3
#
_entry.id   9DA3
#
_cell.length_a   60.972
_cell.length_b   64.585
_cell.length_c   128.640
_cell.angle_alpha   90.00
_cell.angle_beta   90.00
_cell.angle_gamma   90.00
#
_symmetry.space_group_name_H-M   'C 2 2 21'
#
loop_
_entity.id
_entity.type
_entity.pdbx_description
1 polymer '5-hydroxymethyl-dUMP N-hydrolase'
2 non-polymer '[(3R,4R)-4-hydroxy-1-{[5-(hydroxymethyl)-6-oxo-1,6-dihydropyridin-3-yl]methyl}pyrrolidin-3-yl]methyl dihydrogen phosphate'
3 water water
#
_entity_poly.entity_id   1
_entity_poly.type   'polypeptide(L)'
_entity_poly.pdbx_seq_one_letter_code
;SMRPALYFCGSIRGGREDRTLYERIVSRLRRFGTVLTEHVAAAELGARGEEAAGGDRLIHEQDLEWLQQADVVVAEVTQP
SLGVGYELGRAVAFNKRILCLFRPQSGRVLSAMIRGAADGSRFQVWDYEEGEVEALLDRYFEADP
;
_entity_poly.pdbx_strand_id   A,B
#
# COMPACT_ATOMS: atom_id res chain seq x y z
N ARG A 3 -7.38 16.87 22.02
CA ARG A 3 -7.95 16.43 20.74
C ARG A 3 -6.87 15.86 19.81
N PRO A 4 -7.09 14.66 19.31
CA PRO A 4 -6.05 14.02 18.50
C PRO A 4 -5.93 14.62 17.11
N ALA A 5 -4.73 14.50 16.53
CA ALA A 5 -4.50 14.74 15.13
C ALA A 5 -4.78 13.45 14.38
N LEU A 6 -5.54 13.54 13.29
CA LEU A 6 -6.03 12.37 12.59
C LEU A 6 -5.57 12.41 11.13
N TYR A 7 -5.29 11.23 10.61
CA TYR A 7 -4.83 11.05 9.24
C TYR A 7 -5.82 10.08 8.60
N PHE A 8 -6.46 10.48 7.50
CA PHE A 8 -7.40 9.60 6.81
C PHE A 8 -6.82 9.06 5.50
N CYS A 9 -7.03 7.76 5.25
CA CYS A 9 -6.60 7.10 4.02
C CYS A 9 -7.78 6.49 3.27
N GLY A 10 -7.85 6.75 1.96
CA GLY A 10 -8.85 6.13 1.11
C GLY A 10 -8.43 6.28 -0.33
N SER A 11 -8.76 5.26 -1.15
CA SER A 11 -8.35 5.23 -2.56
C SER A 11 -8.70 6.50 -3.30
N ILE A 12 -7.74 6.96 -4.13
CA ILE A 12 -8.00 8.06 -5.06
C ILE A 12 -7.64 7.56 -6.46
N ARG A 13 -6.35 7.44 -6.78
CA ARG A 13 -6.00 6.91 -8.10
C ARG A 13 -6.29 5.42 -8.22
N GLY A 14 -6.46 4.71 -7.10
CA GLY A 14 -6.98 3.36 -7.23
C GLY A 14 -8.44 3.30 -7.63
N GLY A 15 -9.12 4.45 -7.64
CA GLY A 15 -10.54 4.52 -7.93
C GLY A 15 -11.26 5.28 -6.84
N ARG A 16 -12.26 6.07 -7.21
CA ARG A 16 -12.99 6.91 -6.26
C ARG A 16 -14.39 6.37 -5.99
N GLU A 17 -14.58 5.05 -6.14
CA GLU A 17 -15.90 4.45 -5.92
C GLU A 17 -16.50 4.82 -4.57
N ASP A 18 -15.68 4.89 -3.51
CA ASP A 18 -16.15 5.07 -2.14
C ASP A 18 -15.98 6.50 -1.64
N ARG A 19 -15.79 7.47 -2.54
CA ARG A 19 -15.56 8.86 -2.17
C ARG A 19 -16.63 9.43 -1.22
N THR A 20 -17.92 9.15 -1.45
CA THR A 20 -18.96 9.68 -0.57
C THR A 20 -18.84 9.11 0.83
N LEU A 21 -18.53 7.82 0.94
CA LEU A 21 -18.25 7.22 2.24
C LEU A 21 -17.04 7.86 2.89
N TYR A 22 -15.97 8.13 2.11
CA TYR A 22 -14.82 8.78 2.72
C TYR A 22 -15.20 10.14 3.28
N GLU A 23 -16.07 10.87 2.57
CA GLU A 23 -16.49 12.17 3.07
C GLU A 23 -17.25 12.03 4.38
N ARG A 24 -18.08 10.98 4.51
CA ARG A 24 -18.76 10.73 5.78
C ARG A 24 -17.77 10.41 6.88
N ILE A 25 -16.74 9.62 6.58
CA ILE A 25 -15.77 9.27 7.60
C ILE A 25 -15.03 10.51 8.07
N VAL A 26 -14.60 11.34 7.11
CA VAL A 26 -13.88 12.56 7.46
C VAL A 26 -14.77 13.52 8.25
N SER A 27 -16.06 13.60 7.88
CA SER A 27 -16.96 14.46 8.63
C SER A 27 -17.06 14.02 10.08
N ARG A 28 -17.12 12.70 10.30
CA ARG A 28 -17.21 12.23 11.68
C ARG A 28 -15.87 12.40 12.40
N LEU A 29 -14.76 12.15 11.71
CA LEU A 29 -13.46 12.33 12.36
C LEU A 29 -13.26 13.76 12.82
N ARG A 30 -13.75 14.74 12.04
CA ARG A 30 -13.65 16.15 12.43
C ARG A 30 -14.37 16.47 13.73
N ARG A 31 -15.38 15.68 14.11
CA ARG A 31 -16.00 15.88 15.41
C ARG A 31 -15.03 15.62 16.54
N PHE A 32 -14.03 14.76 16.32
CA PHE A 32 -13.13 14.32 17.37
C PHE A 32 -11.77 15.01 17.35
N GLY A 33 -11.29 15.43 16.20
CA GLY A 33 -9.98 16.05 16.16
C GLY A 33 -9.75 16.70 14.82
N THR A 34 -8.49 17.05 14.59
CA THR A 34 -8.06 17.74 13.37
C THR A 34 -7.65 16.69 12.34
N VAL A 35 -8.25 16.73 11.16
CA VAL A 35 -7.90 15.79 10.09
C VAL A 35 -6.81 16.43 9.24
N LEU A 36 -5.56 16.00 9.46
CA LEU A 36 -4.41 16.64 8.83
C LEU A 36 -4.42 16.49 7.31
N THR A 37 -4.99 15.41 6.81
CA THR A 37 -4.91 15.11 5.39
C THR A 37 -5.90 15.91 4.55
N GLU A 38 -6.75 16.71 5.19
CA GLU A 38 -7.75 17.48 4.46
C GLU A 38 -7.36 18.95 4.38
N GLY A 54 4.89 20.92 -7.14
CA GLY A 54 5.65 19.87 -6.47
C GLY A 54 5.37 18.48 -7.01
N GLY A 55 4.29 18.35 -7.78
CA GLY A 55 3.89 17.09 -8.35
C GLY A 55 3.60 16.03 -7.30
N ASP A 56 3.89 14.79 -7.65
CA ASP A 56 3.63 13.70 -6.73
C ASP A 56 4.64 13.65 -5.60
N ARG A 57 5.85 14.15 -5.81
CA ARG A 57 6.82 14.22 -4.72
CA ARG A 57 6.81 14.21 -4.71
CA ARG A 57 6.81 14.21 -4.71
C ARG A 57 6.31 15.07 -3.57
N LEU A 58 5.71 16.23 -3.87
CA LEU A 58 5.17 17.08 -2.80
C LEU A 58 4.07 16.34 -2.03
N ILE A 59 3.19 15.64 -2.74
CA ILE A 59 2.15 14.86 -2.06
C ILE A 59 2.79 13.85 -1.11
N HIS A 60 3.79 13.11 -1.60
CA HIS A 60 4.41 12.08 -0.77
C HIS A 60 5.06 12.68 0.47
N GLU A 61 5.85 13.74 0.28
CA GLU A 61 6.60 14.32 1.39
C GLU A 61 5.69 14.97 2.41
N GLN A 62 4.69 15.72 1.94
CA GLN A 62 3.74 16.35 2.84
C GLN A 62 2.95 15.30 3.61
N ASP A 63 2.53 14.23 2.95
CA ASP A 63 1.74 13.24 3.65
C ASP A 63 2.58 12.46 4.65
N LEU A 64 3.86 12.25 4.34
CA LEU A 64 4.73 11.54 5.28
C LEU A 64 4.95 12.39 6.53
N GLU A 65 4.96 13.70 6.38
CA GLU A 65 5.05 14.63 7.50
C GLU A 65 3.81 14.50 8.39
N TRP A 66 2.63 14.50 7.76
CA TRP A 66 1.40 14.38 8.54
C TRP A 66 1.27 13.01 9.18
N LEU A 67 1.78 11.98 8.51
CA LEU A 67 1.57 10.63 9.02
C LEU A 67 2.33 10.47 10.35
N GLN A 68 3.51 11.09 10.45
CA GLN A 68 4.29 11.08 11.69
C GLN A 68 3.67 11.93 12.78
N GLN A 69 2.89 12.94 12.40
CA GLN A 69 2.26 13.82 13.36
C GLN A 69 0.99 13.21 13.93
N ALA A 70 0.39 12.28 13.20
CA ALA A 70 -0.95 11.81 13.54
C ALA A 70 -0.93 10.99 14.84
N ASP A 71 -1.99 11.18 15.64
CA ASP A 71 -2.24 10.33 16.79
C ASP A 71 -2.94 9.03 16.39
N VAL A 72 -3.82 9.08 15.38
CA VAL A 72 -4.49 7.88 14.87
C VAL A 72 -4.53 8.00 13.35
N VAL A 73 -4.28 6.87 12.68
CA VAL A 73 -4.39 6.73 11.24
C VAL A 73 -5.63 5.89 10.96
N VAL A 74 -6.58 6.44 10.21
CA VAL A 74 -7.83 5.76 9.89
C VAL A 74 -7.85 5.52 8.39
N ALA A 75 -8.06 4.27 7.98
CA ALA A 75 -8.04 3.90 6.57
C ALA A 75 -9.28 3.11 6.23
N GLU A 76 -9.95 3.49 5.15
CA GLU A 76 -11.04 2.70 4.59
C GLU A 76 -10.39 1.86 3.49
N VAL A 77 -10.32 0.55 3.69
CA VAL A 77 -9.47 -0.34 2.90
C VAL A 77 -10.29 -1.25 1.99
N THR A 78 -11.52 -0.89 1.68
CA THR A 78 -12.33 -1.74 0.80
C THR A 78 -11.88 -1.66 -0.66
N GLN A 79 -11.63 -0.45 -1.16
CA GLN A 79 -11.17 -0.28 -2.54
C GLN A 79 -9.65 -0.47 -2.62
N PRO A 80 -9.15 -1.42 -3.40
CA PRO A 80 -7.69 -1.60 -3.45
C PRO A 80 -6.96 -0.39 -3.98
N SER A 81 -5.83 -0.07 -3.34
CA SER A 81 -5.11 1.16 -3.63
C SER A 81 -3.66 1.01 -3.18
N LEU A 82 -2.73 1.30 -4.08
CA LEU A 82 -1.31 1.30 -3.69
C LEU A 82 -1.03 2.36 -2.66
N GLY A 83 -1.60 3.54 -2.83
CA GLY A 83 -1.30 4.64 -1.92
C GLY A 83 -1.80 4.37 -0.51
N VAL A 84 -2.99 3.78 -0.38
CA VAL A 84 -3.48 3.44 0.94
C VAL A 84 -2.60 2.36 1.58
N GLY A 85 -2.22 1.35 0.80
CA GLY A 85 -1.36 0.32 1.36
C GLY A 85 -0.01 0.87 1.80
N TYR A 86 0.55 1.77 0.97
CA TYR A 86 1.84 2.37 1.31
C TYR A 86 1.75 3.20 2.58
N GLU A 87 0.69 4.01 2.69
CA GLU A 87 0.46 4.79 3.92
C GLU A 87 0.40 3.88 5.14
N LEU A 88 -0.29 2.75 5.02
CA LEU A 88 -0.39 1.83 6.15
C LEU A 88 0.96 1.20 6.47
N GLY A 89 1.75 0.82 5.44
CA GLY A 89 3.07 0.27 5.70
C GLY A 89 3.99 1.26 6.40
N ARG A 90 4.02 2.51 5.91
CA ARG A 90 4.81 3.53 6.60
C ARG A 90 4.30 3.76 8.02
N ALA A 91 2.98 3.74 8.21
CA ALA A 91 2.42 4.01 9.53
C ALA A 91 2.79 2.94 10.53
N VAL A 92 2.76 1.66 10.12
CA VAL A 92 3.17 0.57 11.00
C VAL A 92 4.62 0.77 11.44
N ALA A 93 5.47 1.15 10.50
CA ALA A 93 6.88 1.34 10.82
C ALA A 93 7.10 2.55 11.72
N PHE A 94 6.21 3.54 11.64
CA PHE A 94 6.21 4.68 12.55
C PHE A 94 5.55 4.36 13.88
N ASN A 95 5.07 3.14 14.08
CA ASN A 95 4.46 2.73 15.35
C ASN A 95 3.19 3.52 15.63
N LYS A 96 2.43 3.81 14.57
CA LYS A 96 1.18 4.54 14.71
C LYS A 96 0.03 3.63 15.13
N ARG A 97 -0.89 4.18 15.91
CA ARG A 97 -2.17 3.53 16.14
C ARG A 97 -3.00 3.62 14.86
N ILE A 98 -3.51 2.47 14.42
CA ILE A 98 -4.12 2.34 13.10
C ILE A 98 -5.48 1.67 13.22
N LEU A 99 -6.48 2.25 12.56
CA LEU A 99 -7.81 1.68 12.44
C LEU A 99 -8.13 1.50 10.96
N CYS A 100 -8.30 0.25 10.53
CA CYS A 100 -8.71 -0.06 9.17
C CYS A 100 -10.18 -0.50 9.17
N LEU A 101 -10.92 -0.05 8.17
CA LEU A 101 -12.34 -0.29 8.03
C LEU A 101 -12.57 -0.98 6.69
N PHE A 102 -13.19 -2.15 6.71
CA PHE A 102 -13.41 -2.97 5.52
C PHE A 102 -14.87 -3.39 5.42
N ARG A 103 -15.41 -3.37 4.19
CA ARG A 103 -16.80 -3.78 3.94
C ARG A 103 -16.88 -5.12 3.21
N PRO A 104 -17.14 -6.22 3.91
CA PRO A 104 -17.29 -7.52 3.22
C PRO A 104 -18.40 -7.55 2.19
N GLN A 105 -19.44 -6.73 2.36
CA GLN A 105 -20.54 -6.76 1.40
C GLN A 105 -20.12 -6.24 0.02
N SER A 106 -18.93 -5.66 -0.08
CA SER A 106 -18.37 -5.29 -1.38
C SER A 106 -18.13 -6.50 -2.27
N GLY A 107 -18.02 -7.69 -1.68
CA GLY A 107 -17.65 -8.87 -2.42
C GLY A 107 -16.15 -9.10 -2.55
N ARG A 108 -15.34 -8.19 -2.04
CA ARG A 108 -13.90 -8.37 -2.10
C ARG A 108 -13.38 -9.17 -0.91
N VAL A 109 -12.20 -9.73 -1.10
CA VAL A 109 -11.41 -10.30 -0.02
C VAL A 109 -10.31 -9.30 0.32
N LEU A 110 -10.28 -8.85 1.58
CA LEU A 110 -9.26 -7.90 1.99
C LEU A 110 -7.88 -8.53 1.93
N SER A 111 -6.93 -7.78 1.36
CA SER A 111 -5.52 -8.14 1.34
C SER A 111 -5.06 -8.84 2.61
N ALA A 112 -4.34 -9.96 2.44
CA ALA A 112 -3.74 -10.62 3.59
C ALA A 112 -2.73 -9.74 4.30
N MET A 113 -2.09 -8.80 3.59
CA MET A 113 -1.10 -7.94 4.24
C MET A 113 -1.75 -6.92 5.18
N ILE A 114 -3.03 -6.60 4.96
CA ILE A 114 -3.74 -5.71 5.88
C ILE A 114 -4.44 -6.50 6.97
N ARG A 115 -5.20 -7.53 6.57
CA ARG A 115 -5.85 -8.42 7.54
C ARG A 115 -4.83 -9.01 8.51
N GLY A 116 -3.70 -9.48 7.98
CA GLY A 116 -2.69 -10.12 8.81
C GLY A 116 -1.76 -9.18 9.57
N ALA A 117 -1.81 -7.88 9.28
CA ALA A 117 -1.04 -6.91 10.05
C ALA A 117 -1.70 -6.57 11.38
N ALA A 118 -2.99 -6.87 11.53
CA ALA A 118 -3.71 -6.48 12.72
C ALA A 118 -3.20 -7.24 13.93
N ASP A 119 -2.91 -6.51 15.00
CA ASP A 119 -2.58 -7.11 16.28
C ASP A 119 -3.69 -6.91 17.31
N GLY A 120 -4.81 -6.31 16.90
CA GLY A 120 -5.96 -6.17 17.76
C GLY A 120 -5.89 -5.05 18.76
N SER A 121 -4.78 -4.30 18.81
CA SER A 121 -4.67 -3.16 19.72
C SER A 121 -4.17 -1.93 18.97
N ARG A 122 -2.87 -1.89 18.66
CA ARG A 122 -2.32 -0.76 17.92
C ARG A 122 -2.75 -0.76 16.45
N PHE A 123 -3.04 -1.93 15.88
CA PHE A 123 -3.46 -2.06 14.49
C PHE A 123 -4.72 -2.89 14.53
N GLN A 124 -5.87 -2.26 14.28
CA GLN A 124 -7.16 -2.94 14.32
C GLN A 124 -7.77 -2.92 12.91
N VAL A 125 -8.40 -4.02 12.56
CA VAL A 125 -9.16 -4.13 11.31
C VAL A 125 -10.59 -4.49 11.69
N TRP A 126 -11.54 -3.63 11.34
CA TRP A 126 -12.95 -3.87 11.63
C TRP A 126 -13.71 -4.11 10.34
N ASP A 127 -14.43 -5.23 10.26
CA ASP A 127 -15.40 -5.45 9.21
CA ASP A 127 -15.40 -5.45 9.21
C ASP A 127 -16.70 -4.77 9.60
N TYR A 128 -17.34 -4.11 8.62
CA TYR A 128 -18.54 -3.35 8.95
C TYR A 128 -19.44 -3.21 7.72
N GLU A 129 -20.69 -2.80 7.98
CA GLU A 129 -21.65 -2.44 6.94
C GLU A 129 -21.72 -0.92 6.82
N GLU A 130 -21.85 -0.42 5.58
CA GLU A 130 -21.62 0.99 5.29
C GLU A 130 -22.44 1.95 6.15
N GLY A 131 -23.68 1.58 6.49
CA GLY A 131 -24.55 2.47 7.24
C GLY A 131 -24.08 2.76 8.64
N GLU A 132 -23.24 1.90 9.19
CA GLU A 132 -22.81 1.94 10.59
C GLU A 132 -21.52 2.71 10.81
N VAL A 133 -20.94 3.35 9.79
CA VAL A 133 -19.56 3.81 9.93
C VAL A 133 -19.45 4.92 10.99
N GLU A 134 -20.43 5.82 11.07
CA GLU A 134 -20.39 6.87 12.08
C GLU A 134 -20.44 6.27 13.48
N ALA A 135 -21.35 5.31 13.68
CA ALA A 135 -21.47 4.64 14.96
C ALA A 135 -20.20 3.90 15.34
N LEU A 136 -19.58 3.22 14.37
CA LEU A 136 -18.36 2.49 14.67
C LEU A 136 -17.25 3.45 15.08
N LEU A 137 -17.11 4.56 14.35
CA LEU A 137 -16.13 5.56 14.74
C LEU A 137 -16.43 6.12 16.12
N ASP A 138 -17.71 6.31 16.45
CA ASP A 138 -18.08 6.72 17.80
C ASP A 138 -17.54 5.74 18.83
N ARG A 139 -17.73 4.44 18.57
CA ARG A 139 -17.26 3.43 19.51
C ARG A 139 -15.75 3.49 19.68
N TYR A 140 -15.02 3.70 18.58
CA TYR A 140 -13.56 3.69 18.65
C TYR A 140 -13.02 4.93 19.36
N PHE A 141 -13.60 6.10 19.09
CA PHE A 141 -13.06 7.36 19.60
C PHE A 141 -13.70 7.83 20.90
N GLU A 142 -14.55 7.03 21.53
CA GLU A 142 -15.15 7.43 22.82
C GLU A 142 -14.74 6.53 23.96
N ARG B 3 24.84 -12.57 -5.85
CA ARG B 3 23.47 -12.85 -6.29
C ARG B 3 22.48 -12.42 -5.19
N PRO B 4 21.68 -11.41 -5.49
CA PRO B 4 20.80 -10.84 -4.47
C PRO B 4 19.69 -11.79 -4.04
N ALA B 5 19.19 -11.54 -2.83
CA ALA B 5 17.91 -12.08 -2.39
C ALA B 5 16.84 -11.10 -2.85
N LEU B 6 15.88 -11.61 -3.62
CA LEU B 6 14.90 -10.77 -4.32
C LEU B 6 13.49 -11.06 -3.83
N TYR B 7 12.74 -10.00 -3.57
CA TYR B 7 11.36 -10.10 -3.13
C TYR B 7 10.48 -9.50 -4.22
N PHE B 8 9.56 -10.30 -4.77
CA PHE B 8 8.68 -9.80 -5.83
C PHE B 8 7.29 -9.45 -5.29
N CYS B 9 6.76 -8.31 -5.73
CA CYS B 9 5.43 -7.83 -5.37
C CYS B 9 4.54 -7.69 -6.60
N GLY B 10 3.32 -8.21 -6.53
CA GLY B 10 2.34 -7.97 -7.56
C GLY B 10 0.96 -8.33 -7.05
N SER B 11 -0.05 -7.60 -7.52
CA SER B 11 -1.43 -7.75 -7.03
C SER B 11 -1.93 -9.19 -7.06
N ILE B 12 -2.63 -9.58 -5.98
CA ILE B 12 -3.35 -10.86 -5.91
C ILE B 12 -4.82 -10.56 -5.60
N ARG B 13 -5.13 -10.23 -4.34
CA ARG B 13 -6.51 -9.89 -3.99
C ARG B 13 -6.94 -8.53 -4.55
N GLY B 14 -5.99 -7.68 -4.96
CA GLY B 14 -6.40 -6.52 -5.71
C GLY B 14 -6.83 -6.83 -7.14
N GLY B 15 -6.62 -8.07 -7.59
CA GLY B 15 -6.93 -8.48 -8.95
C GLY B 15 -5.74 -9.20 -9.56
N ARG B 16 -6.01 -10.26 -10.34
CA ARG B 16 -4.97 -11.09 -10.93
C ARG B 16 -4.83 -10.87 -12.44
N GLU B 17 -5.22 -9.67 -12.90
CA GLU B 17 -5.20 -9.38 -14.33
C GLU B 17 -3.81 -9.59 -14.94
N ASP B 18 -2.76 -9.23 -14.20
CA ASP B 18 -1.39 -9.27 -14.71
C ASP B 18 -0.62 -10.51 -14.28
N ARG B 19 -1.32 -11.56 -13.90
CA ARG B 19 -0.67 -12.77 -13.40
C ARG B 19 0.36 -13.34 -14.39
N THR B 20 0.04 -13.39 -15.69
CA THR B 20 0.99 -13.93 -16.66
C THR B 20 2.26 -13.10 -16.72
N LEU B 21 2.11 -11.78 -16.65
CA LEU B 21 3.28 -10.92 -16.69
C LEU B 21 4.14 -11.10 -15.44
N TYR B 22 3.51 -11.29 -14.29
CA TYR B 22 4.26 -11.51 -13.05
C TYR B 22 5.13 -12.75 -13.17
N GLU B 23 4.60 -13.81 -13.80
CA GLU B 23 5.36 -15.04 -14.01
C GLU B 23 6.59 -14.78 -14.88
N ARG B 24 6.44 -13.93 -15.89
CA ARG B 24 7.59 -13.58 -16.72
C ARG B 24 8.65 -12.83 -15.93
N ILE B 25 8.23 -11.92 -15.06
CA ILE B 25 9.18 -11.15 -14.26
C ILE B 25 9.92 -12.07 -13.30
N VAL B 26 9.19 -12.92 -12.60
CA VAL B 26 9.82 -13.79 -11.60
C VAL B 26 10.78 -14.75 -12.29
N SER B 27 10.39 -15.26 -13.45
CA SER B 27 11.27 -16.11 -14.25
C SER B 27 12.58 -15.41 -14.56
N ARG B 28 12.51 -14.13 -14.92
CA ARG B 28 13.75 -13.43 -15.25
C ARG B 28 14.53 -13.10 -13.98
N LEU B 29 13.84 -12.78 -12.89
CA LEU B 29 14.54 -12.46 -11.64
C LEU B 29 15.36 -13.65 -11.14
N ARG B 30 14.90 -14.89 -11.37
CA ARG B 30 15.63 -16.05 -10.88
C ARG B 30 17.01 -16.14 -11.51
N ARG B 31 17.17 -15.58 -12.72
CA ARG B 31 18.47 -15.53 -13.36
C ARG B 31 19.47 -14.73 -12.54
N PHE B 32 18.98 -13.78 -11.72
CA PHE B 32 19.87 -12.86 -11.01
C PHE B 32 20.01 -13.16 -9.52
N GLY B 33 19.09 -13.87 -8.90
CA GLY B 33 19.27 -14.19 -7.50
C GLY B 33 18.15 -15.07 -6.96
N THR B 34 18.22 -15.29 -5.64
CA THR B 34 17.20 -16.05 -4.92
C THR B 34 15.91 -15.26 -4.85
N VAL B 35 14.81 -15.82 -5.35
CA VAL B 35 13.50 -15.16 -5.25
C VAL B 35 12.78 -15.75 -4.04
N LEU B 36 12.65 -14.96 -2.98
CA LEU B 36 12.11 -15.46 -1.72
C LEU B 36 10.59 -15.69 -1.78
N GLY B 54 -1.75 -17.42 12.46
CA GLY B 54 -2.48 -18.26 11.53
C GLY B 54 -3.19 -17.52 10.40
N GLY B 55 -3.35 -18.20 9.27
CA GLY B 55 -4.15 -17.66 8.17
C GLY B 55 -3.46 -16.47 7.52
N ASP B 56 -4.18 -15.36 7.39
CA ASP B 56 -3.58 -14.16 6.85
C ASP B 56 -2.46 -13.63 7.74
N ARG B 57 -2.54 -13.87 9.05
CA ARG B 57 -1.44 -13.46 9.92
C ARG B 57 -0.16 -14.21 9.57
N LEU B 58 -0.26 -15.51 9.28
CA LEU B 58 0.93 -16.27 8.90
C LEU B 58 1.53 -15.74 7.60
N ILE B 59 0.67 -15.39 6.63
CA ILE B 59 1.17 -14.80 5.38
C ILE B 59 1.90 -13.49 5.68
N HIS B 60 1.27 -12.62 6.46
CA HIS B 60 1.90 -11.34 6.76
C HIS B 60 3.23 -11.54 7.47
N GLU B 61 3.26 -12.44 8.45
CA GLU B 61 4.49 -12.65 9.22
C GLU B 61 5.57 -13.30 8.36
N GLN B 62 5.20 -14.34 7.61
CA GLN B 62 6.14 -14.97 6.67
C GLN B 62 6.71 -13.95 5.69
N ASP B 63 5.85 -13.19 5.03
CA ASP B 63 6.33 -12.29 3.98
C ASP B 63 7.11 -11.13 4.59
N LEU B 64 6.74 -10.68 5.80
CA LEU B 64 7.52 -9.64 6.46
C LEU B 64 8.91 -10.13 6.81
N GLU B 65 9.05 -11.41 7.15
CA GLU B 65 10.38 -11.99 7.37
C GLU B 65 11.19 -12.00 6.09
N TRP B 66 10.61 -12.50 4.99
CA TRP B 66 11.33 -12.47 3.71
C TRP B 66 11.69 -11.06 3.31
N LEU B 67 10.79 -10.10 3.56
CA LEU B 67 11.07 -8.77 3.03
C LEU B 67 12.22 -8.16 3.81
N GLN B 68 12.32 -8.47 5.10
CA GLN B 68 13.48 -8.08 5.89
C GLN B 68 14.76 -8.77 5.43
N GLN B 69 14.65 -9.96 4.82
CA GLN B 69 15.80 -10.72 4.34
C GLN B 69 16.23 -10.31 2.94
N ALA B 70 15.47 -9.43 2.27
CA ALA B 70 15.70 -9.15 0.87
C ALA B 70 16.84 -8.15 0.68
N ASP B 71 17.51 -8.28 -0.46
CA ASP B 71 18.45 -7.25 -0.92
C ASP B 71 17.79 -6.27 -1.88
N VAL B 72 16.88 -6.76 -2.73
CA VAL B 72 16.14 -5.91 -3.66
C VAL B 72 14.67 -6.32 -3.62
N VAL B 73 13.78 -5.33 -3.61
CA VAL B 73 12.34 -5.51 -3.73
C VAL B 73 11.92 -5.03 -5.11
N VAL B 74 11.26 -5.88 -5.87
CA VAL B 74 10.81 -5.57 -7.21
C VAL B 74 9.29 -5.65 -7.21
N ALA B 75 8.63 -4.57 -7.63
CA ALA B 75 7.17 -4.53 -7.59
C ALA B 75 6.62 -4.12 -8.94
N GLU B 76 5.66 -4.90 -9.44
CA GLU B 76 4.90 -4.49 -10.62
C GLU B 76 3.67 -3.75 -10.10
N VAL B 77 3.60 -2.45 -10.36
CA VAL B 77 2.66 -1.57 -9.67
C VAL B 77 1.54 -1.08 -10.58
N THR B 78 1.26 -1.78 -11.68
CA THR B 78 0.22 -1.33 -12.60
C THR B 78 -1.18 -1.58 -12.02
N GLN B 79 -1.43 -2.75 -11.47
CA GLN B 79 -2.73 -3.07 -10.87
C GLN B 79 -2.79 -2.56 -9.44
N PRO B 80 -3.72 -1.69 -9.10
CA PRO B 80 -3.76 -1.17 -7.71
C PRO B 80 -4.00 -2.29 -6.71
N SER B 81 -3.25 -2.25 -5.60
CA SER B 81 -3.25 -3.34 -4.64
C SER B 81 -2.80 -2.82 -3.28
N LEU B 82 -3.60 -3.07 -2.24
CA LEU B 82 -3.20 -2.69 -0.89
C LEU B 82 -1.95 -3.43 -0.47
N GLY B 83 -1.86 -4.74 -0.79
CA GLY B 83 -0.74 -5.54 -0.32
C GLY B 83 0.57 -5.10 -0.94
N VAL B 84 0.56 -4.80 -2.24
CA VAL B 84 1.76 -4.29 -2.90
C VAL B 84 2.18 -2.96 -2.29
N GLY B 85 1.22 -2.06 -2.07
CA GLY B 85 1.57 -0.78 -1.48
C GLY B 85 2.15 -0.95 -0.09
N TYR B 86 1.56 -1.86 0.70
CA TYR B 86 2.03 -2.12 2.05
C TYR B 86 3.44 -2.70 2.05
N GLU B 87 3.70 -3.65 1.14
CA GLU B 87 5.05 -4.19 1.01
C GLU B 87 6.05 -3.10 0.69
N LEU B 88 5.69 -2.17 -0.20
CA LEU B 88 6.61 -1.10 -0.56
C LEU B 88 6.84 -0.15 0.62
N GLY B 89 5.78 0.15 1.38
CA GLY B 89 5.96 1.00 2.56
C GLY B 89 6.83 0.36 3.61
N ARG B 90 6.63 -0.93 3.90
CA ARG B 90 7.49 -1.62 4.84
C ARG B 90 8.92 -1.73 4.31
N ALA B 91 9.06 -1.94 3.00
CA ALA B 91 10.39 -2.05 2.42
C ALA B 91 11.18 -0.76 2.56
N VAL B 92 10.53 0.38 2.33
CA VAL B 92 11.21 1.66 2.52
C VAL B 92 11.73 1.78 3.94
N ALA B 93 10.88 1.48 4.91
CA ALA B 93 11.29 1.64 6.30
C ALA B 93 12.33 0.60 6.72
N PHE B 94 12.37 -0.55 6.04
CA PHE B 94 13.43 -1.54 6.22
C PHE B 94 14.71 -1.19 5.47
N ASN B 95 14.80 0.01 4.91
CA ASN B 95 15.94 0.47 4.12
C ASN B 95 16.32 -0.52 3.02
N LYS B 96 15.35 -0.93 2.24
CA LYS B 96 15.59 -1.84 1.13
C LYS B 96 15.73 -1.06 -0.18
N ARG B 97 16.51 -1.61 -1.09
CA ARG B 97 16.55 -1.17 -2.48
C ARG B 97 15.29 -1.61 -3.24
N ILE B 98 14.65 -0.68 -3.95
CA ILE B 98 13.31 -0.91 -4.52
C ILE B 98 13.30 -0.55 -6.01
N LEU B 99 12.71 -1.43 -6.82
CA LEU B 99 12.46 -1.20 -8.25
C LEU B 99 10.97 -1.40 -8.51
N CYS B 100 10.29 -0.35 -8.97
CA CYS B 100 8.87 -0.43 -9.33
C CYS B 100 8.70 -0.33 -10.84
N LEU B 101 7.77 -1.11 -11.38
CA LEU B 101 7.54 -1.22 -12.81
C LEU B 101 6.08 -0.91 -13.10
N PHE B 102 5.83 0.08 -13.96
CA PHE B 102 4.49 0.56 -14.25
C PHE B 102 4.24 0.63 -15.75
N ARG B 103 3.06 0.16 -16.20
CA ARG B 103 2.74 0.18 -17.62
C ARG B 103 1.76 1.29 -17.96
N PRO B 104 2.17 2.36 -18.62
CA PRO B 104 1.21 3.38 -19.09
C PRO B 104 0.15 2.83 -20.03
N GLN B 105 0.39 1.70 -20.70
CA GLN B 105 -0.64 1.15 -21.58
C GLN B 105 -1.89 0.76 -20.80
N SER B 106 -1.79 0.63 -19.47
CA SER B 106 -2.97 0.38 -18.65
C SER B 106 -3.97 1.53 -18.66
N GLY B 107 -3.55 2.73 -19.06
CA GLY B 107 -4.41 3.90 -19.01
C GLY B 107 -4.51 4.53 -17.65
N ARG B 108 -3.88 3.94 -16.64
CA ARG B 108 -3.98 4.43 -15.27
C ARG B 108 -2.96 5.53 -15.04
N VAL B 109 -3.23 6.32 -14.00
CA VAL B 109 -2.27 7.26 -13.46
C VAL B 109 -1.74 6.64 -12.18
N LEU B 110 -0.44 6.32 -12.15
CA LEU B 110 0.14 5.65 -11.01
C LEU B 110 0.02 6.51 -9.75
N SER B 111 -0.37 5.87 -8.65
CA SER B 111 -0.41 6.45 -7.30
C SER B 111 0.69 7.48 -7.06
N ALA B 112 0.31 8.65 -6.57
CA ALA B 112 1.30 9.65 -6.18
C ALA B 112 2.22 9.15 -5.08
N MET B 113 1.75 8.19 -4.26
CA MET B 113 2.58 7.73 -3.17
C MET B 113 3.73 6.87 -3.69
N ILE B 114 3.54 6.21 -4.81
CA ILE B 114 4.62 5.40 -5.37
C ILE B 114 5.50 6.25 -6.27
N ARG B 115 4.89 6.99 -7.19
CA ARG B 115 5.66 7.88 -8.06
C ARG B 115 6.42 8.91 -7.23
N GLY B 116 5.81 9.43 -6.16
CA GLY B 116 6.43 10.44 -5.31
C GLY B 116 7.43 9.91 -4.30
N ALA B 117 7.42 8.61 -4.02
CA ALA B 117 8.43 8.02 -3.14
C ALA B 117 9.77 7.84 -3.84
N ALA B 118 9.77 7.86 -5.17
CA ALA B 118 10.97 7.54 -5.94
C ALA B 118 12.02 8.61 -5.73
N ASP B 119 13.29 8.18 -5.68
CA ASP B 119 14.41 9.10 -5.63
C ASP B 119 15.38 8.87 -6.77
N GLY B 120 15.04 7.99 -7.71
CA GLY B 120 15.87 7.73 -8.88
C GLY B 120 17.08 6.86 -8.64
N SER B 121 17.35 6.48 -7.38
CA SER B 121 18.50 5.65 -7.05
C SER B 121 18.05 4.42 -6.29
N ARG B 122 17.93 4.54 -4.97
CA ARG B 122 17.54 3.38 -4.17
C ARG B 122 16.03 3.09 -4.22
N PHE B 123 15.21 4.01 -4.73
CA PHE B 123 13.80 3.75 -5.02
C PHE B 123 13.56 4.26 -6.44
N GLN B 124 13.45 3.34 -7.40
CA GLN B 124 13.28 3.70 -8.81
C GLN B 124 11.88 3.28 -9.28
N VAL B 125 11.23 4.15 -10.04
CA VAL B 125 9.94 3.85 -10.67
C VAL B 125 10.11 3.98 -12.18
N TRP B 126 9.96 2.88 -12.90
CA TRP B 126 10.14 2.87 -14.35
C TRP B 126 8.82 2.63 -15.05
N ASP B 127 8.46 3.53 -15.97
CA ASP B 127 7.45 3.24 -16.97
C ASP B 127 8.04 2.32 -18.03
N TYR B 128 7.26 1.32 -18.45
CA TYR B 128 7.75 0.37 -19.44
C TYR B 128 6.62 -0.21 -20.28
N GLU B 129 6.98 -0.73 -21.46
CA GLU B 129 6.07 -1.48 -22.30
C GLU B 129 6.28 -2.97 -22.08
N GLU B 130 5.18 -3.73 -22.06
CA GLU B 130 5.22 -5.12 -21.60
C GLU B 130 6.27 -5.95 -22.35
N GLY B 131 6.45 -5.68 -23.64
CA GLY B 131 7.38 -6.47 -24.43
C GLY B 131 8.83 -6.31 -24.02
N GLU B 132 9.17 -5.27 -23.27
CA GLU B 132 10.55 -4.98 -22.95
C GLU B 132 10.93 -5.28 -21.51
N VAL B 133 10.06 -5.94 -20.75
CA VAL B 133 10.31 -6.08 -19.32
C VAL B 133 11.57 -6.91 -19.06
N GLU B 134 11.82 -7.94 -19.89
CA GLU B 134 13.03 -8.74 -19.66
C GLU B 134 14.28 -7.91 -19.91
N ALA B 135 14.27 -7.06 -20.93
CA ALA B 135 15.42 -6.23 -21.22
C ALA B 135 15.63 -5.18 -20.14
N LEU B 136 14.54 -4.62 -19.62
CA LEU B 136 14.66 -3.65 -18.54
C LEU B 136 15.28 -4.29 -17.30
N LEU B 137 14.82 -5.49 -16.95
CA LEU B 137 15.41 -6.19 -15.81
C LEU B 137 16.87 -6.53 -16.06
N ASP B 138 17.21 -6.98 -17.27
CA ASP B 138 18.60 -7.24 -17.63
C ASP B 138 19.47 -6.00 -17.42
N ARG B 139 18.94 -4.82 -17.76
CA ARG B 139 19.70 -3.59 -17.57
C ARG B 139 19.90 -3.28 -16.10
N TYR B 140 18.82 -3.35 -15.31
CA TYR B 140 18.90 -3.00 -13.90
C TYR B 140 19.85 -3.94 -13.15
N PHE B 141 19.82 -5.22 -13.47
CA PHE B 141 20.62 -6.21 -12.77
C PHE B 141 21.93 -6.50 -13.48
N GLU B 142 22.28 -5.69 -14.48
CA GLU B 142 23.56 -5.80 -15.19
C GLU B 142 23.79 -7.18 -15.77
#